data_3VMN
#
_entry.id   3VMN
#
_cell.length_a   53.200
_cell.length_b   89.735
_cell.length_c   63.258
_cell.angle_alpha   90.00
_cell.angle_beta   102.32
_cell.angle_gamma   90.00
#
_symmetry.space_group_name_H-M   'P 1 21 1'
#
loop_
_entity.id
_entity.type
_entity.pdbx_description
1 polymer Dextranase
2 non-polymer 'PHOSPHATE ION'
3 water water
#
_entity_poly.entity_id   1
_entity_poly.type   'polypeptide(L)'
_entity_poly.pdbx_seq_one_letter_code
;MDQKNGNMINLTTDKAVYQAGEAVHLNLTLNNTTSLAQNITATAEVYSLENKLKTLQYTKYLLPNESYTTQKGEFVIPAN
SLANNRGYLLKVNISDSQNNILEQGNRAIAVEDDWRTFPRYAAIGGSQKDNNSVLTKNLPDYYRELEQMKNMNINSYFFY
DVYKSATNPFPNVPKFDQSWNWWSHSQVETDAVKALVNRVHQTGAVAMLYNMILAQNANETAVLPDTEYIYNYETGGYGQ
NGQVMTYSIDDKPLQYYYNPLSKSWQNYISNAMAQAMKNGGFDGWQGDTIGDNRVLSHNQKDSRDIAHSFMLSDVYAEFL
NKMKEKLPQYYLTLNDVNGENISKLANSKQDVIYNELWPFGTSALGNRPQESYGDLKARVDQVRQATGKSLIVGAYMEEP
KFDDNRIPLNGAARDVLASATYQTDAVLLTTAAIAAAGGYHMSLAALANPNDGGGVGVLETAYYPTQSLKVSKELNRKNY
HYQQFITAYENLLRDKVENDSAEPQTFTANGRQLSQDALGINGDQVWTYAKKGNDFRTIQLLNLMGITSDWKNEDGYENN
KTPDEQTNLLVTYPLTGVSMAEADRIAKQVYLTSPDDWLQSSMISLATQVKTNENGDPVLYIQVPRLTLWDMIYILEHHH
HHH
;
_entity_poly.pdbx_strand_id   A
#
loop_
_chem_comp.id
_chem_comp.type
_chem_comp.name
_chem_comp.formula
PO4 non-polymer 'PHOSPHATE ION' 'O4 P -3'
#
# COMPACT_ATOMS: atom_id res chain seq x y z
N ASN A 5 -17.63 -15.23 -6.07
CA ASN A 5 -18.43 -14.11 -6.67
C ASN A 5 -17.66 -13.26 -7.70
N GLY A 6 -16.56 -13.82 -8.23
CA GLY A 6 -15.79 -13.10 -9.25
C GLY A 6 -16.43 -13.34 -10.59
N ASN A 7 -16.05 -12.51 -11.55
CA ASN A 7 -16.55 -12.63 -12.92
C ASN A 7 -15.56 -13.53 -13.71
N MET A 8 -15.91 -13.88 -14.95
CA MET A 8 -15.07 -14.71 -15.80
C MET A 8 -14.57 -13.87 -17.00
N ILE A 9 -14.53 -12.56 -16.85
CA ILE A 9 -14.18 -11.69 -18.00
C ILE A 9 -12.63 -11.72 -18.21
N ASN A 10 -11.90 -12.00 -17.13
CA ASN A 10 -10.44 -12.00 -17.16
C ASN A 10 -9.89 -10.73 -17.86
N LEU A 11 -10.30 -9.59 -17.37
CA LEU A 11 -9.93 -8.33 -17.99
C LEU A 11 -8.41 -8.21 -17.75
N THR A 12 -7.62 -8.08 -18.79
CA THR A 12 -6.15 -8.00 -18.58
C THR A 12 -5.60 -6.89 -19.44
N THR A 13 -4.47 -6.34 -19.00
CA THR A 13 -3.76 -5.31 -19.76
C THR A 13 -2.36 -5.76 -20.01
N ASP A 14 -1.71 -5.16 -21.00
CA ASP A 14 -0.34 -5.54 -21.28
C ASP A 14 0.70 -5.05 -20.28
N LYS A 15 0.35 -4.04 -19.53
CA LYS A 15 1.23 -3.43 -18.51
C LYS A 15 0.46 -3.09 -17.25
N ALA A 16 1.22 -2.92 -16.15
CA ALA A 16 0.61 -2.39 -14.93
C ALA A 16 0.34 -0.91 -14.95
N VAL A 17 1.17 -0.17 -15.69
CA VAL A 17 1.16 1.28 -15.70
C VAL A 17 1.53 1.75 -17.09
N TYR A 18 1.05 2.93 -17.44
CA TYR A 18 1.29 3.53 -18.81
C TYR A 18 1.77 4.95 -18.79
N GLN A 19 2.71 5.24 -19.69
CA GLN A 19 2.98 6.65 -20.03
C GLN A 19 1.81 7.17 -20.87
N ALA A 20 1.59 8.49 -20.83
CA ALA A 20 0.45 9.08 -21.57
C ALA A 20 0.56 8.83 -23.08
N GLY A 21 1.79 8.79 -23.55
CA GLY A 21 2.07 8.50 -25.00
C GLY A 21 2.13 7.02 -25.37
N GLU A 22 1.59 6.15 -24.52
CA GLU A 22 1.61 4.74 -24.75
C GLU A 22 0.17 4.22 -24.88
N ALA A 23 -0.05 3.33 -25.85
CA ALA A 23 -1.38 2.72 -25.98
C ALA A 23 -1.62 1.68 -24.85
N VAL A 24 -2.89 1.56 -24.50
CA VAL A 24 -3.32 0.50 -23.55
C VAL A 24 -3.87 -0.65 -24.38
N HIS A 25 -3.23 -1.82 -24.34
CA HIS A 25 -3.80 -3.00 -24.98
C HIS A 25 -4.53 -3.88 -23.97
N LEU A 26 -5.82 -4.02 -24.17
CA LEU A 26 -6.69 -4.75 -23.23
C LEU A 26 -7.09 -6.05 -23.88
N ASN A 27 -7.30 -7.08 -23.05
CA ASN A 27 -7.95 -8.30 -23.55
C ASN A 27 -9.05 -8.65 -22.63
N LEU A 28 -10.17 -9.05 -23.21
CA LEU A 28 -11.26 -9.49 -22.36
C LEU A 28 -11.95 -10.68 -22.96
N THR A 29 -12.65 -11.43 -22.11
CA THR A 29 -13.24 -12.71 -22.56
C THR A 29 -14.75 -12.62 -22.50
N LEU A 30 -15.36 -12.96 -23.64
CA LEU A 30 -16.83 -12.94 -23.79
C LEU A 30 -17.30 -14.40 -23.60
N ASN A 31 -18.16 -14.63 -22.62
CA ASN A 31 -18.64 -16.00 -22.33
C ASN A 31 -20.12 -16.11 -22.62
N ASN A 32 -20.47 -16.98 -23.56
CA ASN A 32 -21.87 -17.32 -23.73
C ASN A 32 -22.28 -18.39 -22.74
N THR A 33 -22.68 -17.95 -21.53
CA THR A 33 -23.12 -18.91 -20.52
C THR A 33 -24.59 -19.29 -20.71
N THR A 34 -25.13 -19.02 -21.87
CA THR A 34 -26.55 -19.34 -22.15
C THR A 34 -26.65 -20.56 -23.06
N SER A 35 -27.87 -21.10 -23.12
CA SER A 35 -28.17 -22.24 -23.97
C SER A 35 -28.48 -21.86 -25.43
N LEU A 36 -28.31 -20.62 -25.82
CA LEU A 36 -28.71 -20.17 -27.16
C LEU A 36 -27.51 -19.57 -27.89
N ALA A 37 -27.30 -20.02 -29.12
CA ALA A 37 -26.29 -19.38 -29.99
C ALA A 37 -26.76 -17.95 -30.28
N GLN A 38 -25.93 -16.94 -29.97
CA GLN A 38 -26.37 -15.58 -30.11
C GLN A 38 -25.15 -14.66 -29.98
N ASN A 39 -25.35 -13.41 -30.41
CA ASN A 39 -24.35 -12.36 -30.24
C ASN A 39 -24.19 -12.03 -28.74
N ILE A 40 -22.93 -12.04 -28.30
CA ILE A 40 -22.60 -11.60 -26.96
C ILE A 40 -21.76 -10.33 -27.13
N THR A 41 -22.12 -9.31 -26.35
CA THR A 41 -21.52 -7.98 -26.50
C THR A 41 -20.73 -7.61 -25.27
N ALA A 42 -19.47 -7.20 -25.47
CA ALA A 42 -18.70 -6.62 -24.38
C ALA A 42 -18.65 -5.12 -24.53
N THR A 43 -19.07 -4.39 -23.52
CA THR A 43 -19.03 -2.90 -23.56
C THR A 43 -18.15 -2.44 -22.42
N ALA A 44 -17.09 -1.70 -22.73
CA ALA A 44 -16.11 -1.25 -21.71
C ALA A 44 -16.11 0.23 -21.77
N GLU A 45 -16.71 0.87 -20.76
CA GLU A 45 -16.80 2.35 -20.72
C GLU A 45 -15.56 2.86 -20.02
N VAL A 46 -14.88 3.83 -20.62
CA VAL A 46 -13.66 4.45 -20.03
C VAL A 46 -14.10 5.71 -19.32
N TYR A 47 -13.99 5.70 -17.98
CA TYR A 47 -14.32 6.90 -17.19
C TYR A 47 -13.10 7.58 -16.63
N SER A 48 -13.20 8.89 -16.63
CA SER A 48 -12.30 9.75 -15.84
C SER A 48 -13.16 10.38 -14.77
N LEU A 49 -13.10 9.82 -13.56
CA LEU A 49 -14.01 10.19 -12.49
C LEU A 49 -15.45 9.97 -12.99
N GLU A 50 -16.30 11.00 -12.94
CA GLU A 50 -17.69 10.79 -13.38
C GLU A 50 -17.89 10.90 -14.88
N ASN A 51 -16.85 11.31 -15.60
CA ASN A 51 -17.03 11.61 -17.00
C ASN A 51 -16.72 10.39 -17.85
N LYS A 52 -17.69 10.02 -18.69
CA LYS A 52 -17.44 8.91 -19.60
C LYS A 52 -16.69 9.41 -20.86
N LEU A 53 -15.39 9.11 -20.95
CA LEU A 53 -14.57 9.57 -22.06
C LEU A 53 -14.84 8.75 -23.30
N LYS A 54 -15.02 7.43 -23.14
CA LYS A 54 -15.18 6.57 -24.36
C LYS A 54 -16.09 5.44 -23.99
N THR A 55 -16.74 4.89 -25.02
CA THR A 55 -17.36 3.58 -24.91
C THR A 55 -16.64 2.69 -25.90
N LEU A 56 -16.00 1.64 -25.38
CA LEU A 56 -15.44 0.58 -26.20
C LEU A 56 -16.41 -0.55 -26.29
N GLN A 57 -16.43 -1.23 -27.43
CA GLN A 57 -17.49 -2.26 -27.64
C GLN A 57 -17.07 -3.25 -28.68
N TYR A 58 -17.45 -4.49 -28.46
CA TYR A 58 -17.15 -5.56 -29.43
C TYR A 58 -18.19 -6.64 -29.24
N THR A 59 -18.69 -7.19 -30.35
CA THR A 59 -19.68 -8.27 -30.27
C THR A 59 -19.19 -9.46 -31.05
N LYS A 60 -19.48 -10.65 -30.53
CA LYS A 60 -19.10 -11.89 -31.20
C LYS A 60 -20.28 -12.86 -31.11
N TYR A 61 -20.65 -13.47 -32.24
CA TYR A 61 -21.64 -14.54 -32.26
C TYR A 61 -21.04 -15.83 -31.69
N LEU A 62 -21.64 -16.38 -30.63
CA LEU A 62 -21.02 -17.48 -29.90
C LEU A 62 -22.09 -18.56 -29.74
N LEU A 63 -21.66 -19.78 -29.92
CA LEU A 63 -22.56 -20.93 -29.70
C LEU A 63 -22.78 -21.09 -28.19
N PRO A 64 -23.76 -21.91 -27.80
CA PRO A 64 -24.00 -22.10 -26.37
C PRO A 64 -22.73 -22.58 -25.67
N ASN A 65 -22.43 -21.95 -24.52
CA ASN A 65 -21.25 -22.30 -23.75
C ASN A 65 -19.93 -21.90 -24.38
N GLU A 66 -19.96 -21.29 -25.57
CA GLU A 66 -18.72 -20.89 -26.24
C GLU A 66 -18.21 -19.57 -25.64
N SER A 67 -16.89 -19.46 -25.58
CA SER A 67 -16.20 -18.25 -25.13
C SER A 67 -15.20 -17.79 -26.15
N TYR A 68 -14.94 -16.48 -26.16
CA TYR A 68 -13.93 -15.86 -27.02
C TYR A 68 -13.12 -14.80 -26.26
N THR A 69 -11.77 -14.91 -26.32
CA THR A 69 -10.91 -13.89 -25.75
C THR A 69 -10.43 -12.99 -26.87
N THR A 70 -10.61 -11.68 -26.66
CA THR A 70 -10.26 -10.73 -27.70
C THR A 70 -8.77 -10.76 -27.96
N GLN A 71 -8.42 -10.43 -29.21
CA GLN A 71 -7.03 -10.48 -29.66
C GLN A 71 -6.40 -9.11 -29.64
N LYS A 72 -5.08 -9.08 -29.75
CA LYS A 72 -4.38 -7.79 -29.79
C LYS A 72 -4.95 -6.92 -30.88
N GLY A 73 -5.31 -5.67 -30.50
CA GLY A 73 -5.86 -4.71 -31.47
C GLY A 73 -7.34 -4.55 -31.31
N GLU A 74 -8.02 -5.54 -30.73
CA GLU A 74 -9.50 -5.47 -30.72
C GLU A 74 -10.06 -4.48 -29.72
N PHE A 75 -9.49 -4.45 -28.51
CA PHE A 75 -9.76 -3.39 -27.50
C PHE A 75 -8.46 -2.68 -27.23
N VAL A 76 -8.45 -1.40 -27.57
CA VAL A 76 -7.25 -0.58 -27.40
C VAL A 76 -7.66 0.83 -27.02
N ILE A 77 -6.91 1.46 -26.10
CA ILE A 77 -7.01 2.91 -25.87
C ILE A 77 -5.73 3.49 -26.42
N PRO A 78 -5.82 4.26 -27.52
CA PRO A 78 -4.59 4.65 -28.22
C PRO A 78 -3.71 5.60 -27.41
N ALA A 79 -2.44 5.63 -27.79
CA ALA A 79 -1.55 6.65 -27.22
C ALA A 79 -2.14 8.05 -27.28
N ASN A 80 -1.82 8.86 -26.27
CA ASN A 80 -2.21 10.26 -26.24
C ASN A 80 -3.73 10.44 -26.15
N SER A 81 -4.44 9.43 -25.63
CA SER A 81 -5.90 9.53 -25.35
C SER A 81 -6.24 9.98 -23.96
N LEU A 82 -5.29 9.82 -23.06
CA LEU A 82 -5.51 10.02 -21.62
C LEU A 82 -4.56 11.05 -21.06
N ALA A 83 -5.07 11.96 -20.22
CA ALA A 83 -4.20 12.94 -19.56
C ALA A 83 -3.24 12.24 -18.57
N ASN A 84 -2.04 12.80 -18.37
CA ASN A 84 -1.00 12.16 -17.60
C ASN A 84 -1.26 12.28 -16.09
N ASN A 85 -0.66 11.38 -15.33
CA ASN A 85 -0.69 11.39 -13.86
C ASN A 85 -2.12 11.37 -13.36
N ARG A 86 -2.86 10.42 -13.94
CA ARG A 86 -4.25 10.25 -13.58
C ARG A 86 -4.63 8.79 -13.61
N GLY A 87 -5.67 8.52 -12.84
CA GLY A 87 -6.29 7.18 -12.86
C GLY A 87 -7.67 7.22 -13.55
N TYR A 88 -7.96 6.10 -14.20
CA TYR A 88 -9.18 5.89 -14.97
C TYR A 88 -9.86 4.57 -14.59
N LEU A 89 -11.15 4.48 -14.89
CA LEU A 89 -11.88 3.26 -14.65
C LEU A 89 -12.41 2.74 -15.99
N LEU A 90 -12.22 1.45 -16.20
CA LEU A 90 -12.84 0.70 -17.32
C LEU A 90 -14.00 -0.08 -16.69
N LYS A 91 -15.23 0.26 -17.07
CA LYS A 91 -16.44 -0.35 -16.51
C LYS A 91 -16.99 -1.30 -17.54
N VAL A 92 -16.91 -2.60 -17.27
CA VAL A 92 -17.24 -3.57 -18.33
C VAL A 92 -18.55 -4.29 -18.05
N ASN A 93 -19.42 -4.33 -19.06
CA ASN A 93 -20.69 -5.11 -18.99
C ASN A 93 -20.70 -6.06 -20.15
N ILE A 94 -20.97 -7.34 -19.86
CA ILE A 94 -21.13 -8.33 -20.93
C ILE A 94 -22.63 -8.58 -21.02
N SER A 95 -23.18 -8.47 -22.22
CA SER A 95 -24.66 -8.58 -22.40
C SER A 95 -25.01 -9.53 -23.51
N ASP A 96 -26.20 -10.10 -23.39
CA ASP A 96 -26.68 -10.98 -24.45
C ASP A 96 -27.47 -10.19 -25.48
N SER A 97 -28.04 -10.91 -26.45
CA SER A 97 -28.71 -10.23 -27.54
C SER A 97 -30.06 -9.61 -27.12
N GLN A 98 -30.50 -9.91 -25.90
CA GLN A 98 -31.68 -9.27 -25.29
C GLN A 98 -31.33 -8.14 -24.33
N ASN A 99 -30.04 -7.80 -24.25
CA ASN A 99 -29.51 -6.78 -23.34
C ASN A 99 -29.59 -7.17 -21.88
N ASN A 100 -29.76 -8.46 -21.61
CA ASN A 100 -29.58 -8.90 -20.25
C ASN A 100 -28.10 -8.78 -19.93
N ILE A 101 -27.77 -8.29 -18.75
CA ILE A 101 -26.36 -8.33 -18.31
C ILE A 101 -25.98 -9.68 -17.78
N LEU A 102 -25.02 -10.31 -18.45
CA LEU A 102 -24.57 -11.64 -18.05
C LEU A 102 -23.52 -11.61 -16.95
N GLU A 103 -22.61 -10.62 -17.03
CA GLU A 103 -21.63 -10.42 -16.02
C GLU A 103 -20.98 -9.04 -16.16
N GLN A 104 -20.33 -8.63 -15.08
CA GLN A 104 -19.77 -7.28 -15.00
C GLN A 104 -18.43 -7.35 -14.27
N GLY A 105 -17.52 -6.44 -14.59
CA GLY A 105 -16.26 -6.32 -13.83
C GLY A 105 -15.61 -5.02 -14.22
N ASN A 106 -14.90 -4.42 -13.28
CA ASN A 106 -14.27 -3.14 -13.55
C ASN A 106 -12.79 -3.19 -13.29
N ARG A 107 -12.03 -2.39 -14.02
CA ARG A 107 -10.58 -2.43 -13.94
C ARG A 107 -10.09 -0.98 -14.04
N ALA A 108 -9.16 -0.59 -13.17
CA ALA A 108 -8.55 0.73 -13.31
C ALA A 108 -7.40 0.73 -14.28
N ILE A 109 -7.11 1.92 -14.84
CA ILE A 109 -5.91 2.11 -15.66
C ILE A 109 -5.12 3.31 -15.10
N ALA A 110 -3.81 3.08 -14.84
CA ALA A 110 -3.00 4.15 -14.26
C ALA A 110 -2.05 4.72 -15.34
N VAL A 111 -2.16 6.04 -15.55
CA VAL A 111 -1.26 6.78 -16.44
C VAL A 111 -0.34 7.66 -15.59
N GLU A 112 0.98 7.46 -15.69
CA GLU A 112 1.87 8.23 -14.79
C GLU A 112 3.28 8.24 -15.31
N ASP A 113 3.99 9.34 -15.04
CA ASP A 113 5.42 9.45 -15.40
C ASP A 113 6.24 8.35 -14.72
N ASP A 114 5.99 8.14 -13.43
CA ASP A 114 6.72 7.13 -12.64
C ASP A 114 5.94 6.95 -11.33
N TRP A 115 6.44 6.06 -10.48
CA TRP A 115 5.69 5.66 -9.29
C TRP A 115 5.66 6.67 -8.16
N ARG A 116 6.39 7.78 -8.25
CA ARG A 116 6.58 8.62 -7.10
C ARG A 116 5.32 9.37 -6.70
N THR A 117 4.50 9.77 -7.68
CA THR A 117 3.35 10.61 -7.34
C THR A 117 2.32 9.79 -6.54
N PHE A 118 2.04 8.61 -7.07
CA PHE A 118 1.02 7.73 -6.48
C PHE A 118 1.59 6.31 -6.27
N PRO A 119 2.48 6.15 -5.27
CA PRO A 119 3.08 4.85 -5.09
C PRO A 119 2.05 3.77 -4.73
N ARG A 120 2.21 2.62 -5.36
CA ARG A 120 1.33 1.45 -5.10
C ARG A 120 2.35 0.28 -5.03
N TYR A 121 2.80 0.00 -3.81
CA TYR A 121 4.05 -0.78 -3.55
C TYR A 121 3.67 -2.13 -2.91
N ALA A 122 4.23 -3.20 -3.46
CA ALA A 122 4.02 -4.54 -2.93
C ALA A 122 5.35 -5.16 -2.63
N ALA A 123 5.33 -6.20 -1.81
CA ALA A 123 6.60 -6.86 -1.46
C ALA A 123 6.83 -8.15 -2.22
N ILE A 124 8.09 -8.53 -2.32
CA ILE A 124 8.46 -9.83 -2.90
C ILE A 124 9.44 -10.40 -1.91
N GLY A 125 9.30 -11.70 -1.61
CA GLY A 125 10.19 -12.31 -0.59
C GLY A 125 10.43 -13.78 -0.85
N GLY A 126 11.28 -14.40 -0.08
CA GLY A 126 11.52 -15.86 -0.22
C GLY A 126 10.33 -16.68 0.24
N SER A 127 10.45 -18.00 -0.01
CA SER A 127 9.33 -18.93 0.16
C SER A 127 9.47 -19.71 1.45
N GLN A 128 8.52 -19.53 2.36
CA GLN A 128 8.52 -20.23 3.63
C GLN A 128 8.60 -21.75 3.50
N LYS A 129 8.01 -22.32 2.44
CA LYS A 129 8.10 -23.77 2.28
C LYS A 129 9.52 -24.23 1.97
N ASP A 130 10.37 -23.32 1.49
CA ASP A 130 11.75 -23.68 1.10
C ASP A 130 12.76 -22.90 1.94
N ASN A 131 12.60 -22.94 3.26
CA ASN A 131 13.53 -22.32 4.19
C ASN A 131 13.69 -20.81 3.94
N ASN A 132 12.66 -20.22 3.35
CA ASN A 132 12.67 -18.76 3.01
C ASN A 132 13.66 -18.36 1.93
N SER A 133 14.07 -19.35 1.13
CA SER A 133 14.98 -19.13 0.04
C SER A 133 14.28 -18.56 -1.16
N VAL A 134 15.06 -17.94 -2.02
CA VAL A 134 14.56 -17.37 -3.29
C VAL A 134 15.14 -18.21 -4.40
N LEU A 135 14.28 -19.05 -4.99
CA LEU A 135 14.75 -20.16 -5.83
C LEU A 135 14.10 -20.14 -7.20
N THR A 136 14.87 -20.54 -8.19
CA THR A 136 14.40 -20.61 -9.56
C THR A 136 13.17 -21.55 -9.73
N LYS A 137 13.15 -22.62 -8.92
CA LYS A 137 12.06 -23.59 -9.00
C LYS A 137 10.71 -22.99 -8.63
N ASN A 138 10.74 -21.86 -7.89
CA ASN A 138 9.52 -21.15 -7.52
C ASN A 138 9.07 -20.05 -8.46
N LEU A 139 9.81 -19.81 -9.54
CA LEU A 139 9.41 -18.79 -10.47
C LEU A 139 7.97 -18.95 -10.99
N PRO A 140 7.54 -20.18 -11.36
CA PRO A 140 6.13 -20.21 -11.85
C PRO A 140 5.11 -19.64 -10.86
N ASP A 141 5.33 -19.90 -9.57
CA ASP A 141 4.42 -19.36 -8.55
C ASP A 141 4.59 -17.86 -8.45
N TYR A 142 5.85 -17.40 -8.43
CA TYR A 142 6.03 -15.94 -8.43
C TYR A 142 5.40 -15.26 -9.64
N TYR A 143 5.55 -15.86 -10.83
CA TYR A 143 5.02 -15.23 -12.03
C TYR A 143 3.48 -15.18 -11.99
N ARG A 144 2.83 -16.22 -11.43
CA ARG A 144 1.36 -16.14 -11.28
C ARG A 144 0.96 -15.01 -10.33
N GLU A 145 1.71 -14.85 -9.25
CA GLU A 145 1.43 -13.77 -8.30
C GLU A 145 1.69 -12.42 -8.96
N LEU A 146 2.81 -12.29 -9.67
CA LEU A 146 3.15 -11.02 -10.36
C LEU A 146 2.16 -10.63 -11.44
N GLU A 147 1.58 -11.63 -12.15
CA GLU A 147 0.54 -11.32 -13.13
C GLU A 147 -0.68 -10.70 -12.44
N GLN A 148 -1.02 -11.25 -11.27
CA GLN A 148 -2.14 -10.68 -10.50
C GLN A 148 -1.84 -9.28 -10.02
N MET A 149 -0.62 -9.08 -9.55
CA MET A 149 -0.19 -7.74 -9.11
C MET A 149 -0.17 -6.73 -10.27
N LYS A 150 0.32 -7.16 -11.45
CA LYS A 150 0.24 -6.32 -12.65
C LYS A 150 -1.19 -5.87 -12.90
N ASN A 151 -2.14 -6.84 -12.83
CA ASN A 151 -3.51 -6.44 -13.13
C ASN A 151 -4.19 -5.69 -11.98
N MET A 152 -3.48 -5.55 -10.86
CA MET A 152 -3.84 -4.61 -9.78
C MET A 152 -3.11 -3.26 -9.87
N ASN A 153 -2.38 -3.07 -10.98
CA ASN A 153 -1.71 -1.79 -11.29
C ASN A 153 -0.55 -1.49 -10.35
N ILE A 154 0.03 -2.50 -9.69
CA ILE A 154 1.17 -2.25 -8.77
C ILE A 154 2.31 -1.61 -9.58
N ASN A 155 2.87 -0.52 -9.06
CA ASN A 155 3.94 0.19 -9.78
C ASN A 155 5.35 0.02 -9.24
N SER A 156 5.49 -0.72 -8.16
CA SER A 156 6.76 -0.81 -7.50
C SER A 156 6.80 -2.01 -6.55
N TYR A 157 7.98 -2.61 -6.42
CA TYR A 157 8.11 -3.84 -5.63
C TYR A 157 9.28 -3.72 -4.67
N PHE A 158 9.02 -4.07 -3.40
CA PHE A 158 10.01 -4.04 -2.31
C PHE A 158 10.60 -5.45 -2.23
N PHE A 159 11.85 -5.61 -2.73
CA PHE A 159 12.49 -6.91 -2.71
C PHE A 159 13.12 -7.12 -1.32
N TYR A 160 12.42 -7.92 -0.52
CA TYR A 160 12.77 -8.11 0.89
C TYR A 160 13.75 -9.27 1.08
N ASP A 161 14.86 -9.06 1.80
CA ASP A 161 15.79 -10.17 2.16
C ASP A 161 16.23 -10.96 0.94
N VAL A 162 16.64 -10.26 -0.12
CA VAL A 162 17.25 -10.95 -1.25
C VAL A 162 18.77 -10.69 -1.30
N TYR A 163 19.30 -10.08 -0.25
CA TYR A 163 20.69 -9.61 -0.27
C TYR A 163 21.61 -10.63 0.39
N LYS A 164 22.89 -10.57 0.02
CA LYS A 164 23.86 -11.52 0.60
C LYS A 164 24.29 -11.01 1.95
N SER A 165 24.86 -9.82 1.99
CA SER A 165 25.23 -9.23 3.25
C SER A 165 25.08 -7.72 3.14
N ALA A 166 25.04 -7.07 4.29
CA ALA A 166 24.77 -5.64 4.26
C ALA A 166 25.81 -4.85 3.51
N THR A 167 27.05 -5.34 3.49
CA THR A 167 28.10 -4.62 2.79
C THR A 167 28.42 -5.26 1.40
N ASN A 168 27.80 -6.37 1.03
CA ASN A 168 28.00 -7.03 -0.29
C ASN A 168 26.62 -7.51 -0.70
N PRO A 169 25.74 -6.59 -1.11
CA PRO A 169 24.29 -6.93 -1.11
C PRO A 169 23.85 -7.84 -2.25
N PHE A 170 24.49 -7.78 -3.41
CA PHE A 170 24.00 -8.64 -4.53
C PHE A 170 25.15 -8.95 -5.50
N PRO A 171 26.00 -9.89 -5.11
CA PRO A 171 27.21 -10.09 -5.92
C PRO A 171 26.92 -10.91 -7.16
N ASN A 172 27.89 -10.90 -8.09
CA ASN A 172 27.76 -11.63 -9.34
C ASN A 172 28.22 -13.07 -9.18
N VAL A 173 27.44 -13.84 -8.47
CA VAL A 173 27.66 -15.28 -8.30
C VAL A 173 26.32 -16.00 -8.54
N PRO A 174 26.33 -17.29 -8.89
CA PRO A 174 25.06 -17.98 -9.16
C PRO A 174 24.16 -18.15 -7.96
N LYS A 175 24.77 -18.43 -6.81
CA LYS A 175 24.02 -18.65 -5.60
C LYS A 175 24.80 -18.16 -4.39
N PHE A 176 24.07 -17.67 -3.40
CA PHE A 176 24.72 -17.40 -2.13
C PHE A 176 23.90 -17.77 -0.93
N ASP A 177 24.60 -17.98 0.17
CA ASP A 177 24.02 -18.24 1.46
C ASP A 177 23.74 -16.91 2.15
N GLN A 178 22.60 -16.81 2.82
CA GLN A 178 22.34 -15.65 3.65
C GLN A 178 22.73 -16.02 5.08
N SER A 179 24.00 -15.79 5.41
CA SER A 179 24.55 -16.39 6.65
C SER A 179 23.99 -15.78 7.93
N TRP A 180 23.45 -14.56 7.82
CA TRP A 180 22.79 -13.86 8.91
C TRP A 180 21.43 -14.45 9.22
N ASN A 181 20.95 -15.33 8.33
CA ASN A 181 19.70 -16.02 8.59
C ASN A 181 20.00 -17.30 9.38
N TRP A 182 19.95 -17.18 10.71
CA TRP A 182 20.29 -18.29 11.61
C TRP A 182 19.10 -19.17 11.93
N TRP A 183 17.90 -18.69 11.61
CA TRP A 183 16.68 -19.45 11.88
C TRP A 183 16.32 -20.45 10.79
N SER A 184 16.60 -20.18 9.52
CA SER A 184 16.25 -21.13 8.44
C SER A 184 17.34 -21.32 7.37
N HIS A 185 18.42 -20.55 7.44
CA HIS A 185 19.52 -20.71 6.49
C HIS A 185 19.09 -20.58 5.06
N SER A 186 18.38 -19.47 4.78
CA SER A 186 17.93 -19.23 3.41
C SER A 186 19.08 -19.01 2.45
N GLN A 187 18.83 -19.42 1.19
CA GLN A 187 19.75 -19.20 0.06
C GLN A 187 19.08 -18.40 -1.01
N VAL A 188 19.89 -17.78 -1.86
CA VAL A 188 19.38 -17.04 -2.99
C VAL A 188 20.03 -17.53 -4.27
N GLU A 189 19.20 -17.81 -5.27
CA GLU A 189 19.71 -18.08 -6.60
C GLU A 189 19.59 -16.76 -7.34
N THR A 190 20.73 -16.19 -7.73
CA THR A 190 20.68 -14.85 -8.33
C THR A 190 19.91 -14.79 -9.67
N ASP A 191 19.93 -15.89 -10.45
CA ASP A 191 19.15 -15.88 -11.67
C ASP A 191 17.66 -15.72 -11.36
N ALA A 192 17.21 -16.27 -10.23
CA ALA A 192 15.78 -16.14 -9.82
C ALA A 192 15.44 -14.69 -9.49
N VAL A 193 16.31 -14.02 -8.74
CA VAL A 193 16.07 -12.62 -8.45
C VAL A 193 16.10 -11.76 -9.73
N LYS A 194 17.08 -12.00 -10.60
CA LYS A 194 17.12 -11.27 -11.85
C LYS A 194 15.85 -11.52 -12.71
N ALA A 195 15.36 -12.75 -12.73
CA ALA A 195 14.16 -13.07 -13.51
C ALA A 195 12.96 -12.33 -12.92
N LEU A 196 12.93 -12.19 -11.58
CA LEU A 196 11.80 -11.45 -10.94
C LEU A 196 11.89 -9.98 -11.26
N VAL A 197 13.11 -9.42 -11.15
CA VAL A 197 13.31 -8.03 -11.59
C VAL A 197 12.93 -7.80 -13.07
N ASN A 198 13.30 -8.71 -13.95
CA ASN A 198 12.95 -8.55 -15.39
C ASN A 198 11.43 -8.59 -15.58
N ARG A 199 10.76 -9.49 -14.87
CA ARG A 199 9.30 -9.62 -14.98
C ARG A 199 8.61 -8.36 -14.48
N VAL A 200 9.00 -7.84 -13.28
CA VAL A 200 8.52 -6.54 -12.81
C VAL A 200 8.65 -5.45 -13.86
N HIS A 201 9.83 -5.37 -14.47
CA HIS A 201 10.06 -4.35 -15.48
C HIS A 201 9.17 -4.48 -16.73
N GLN A 202 8.87 -5.72 -17.10
CA GLN A 202 7.97 -5.93 -18.28
C GLN A 202 6.64 -5.24 -18.02
N THR A 203 6.24 -5.18 -16.73
CA THR A 203 4.95 -4.50 -16.41
C THR A 203 4.95 -2.98 -16.32
N GLY A 204 6.16 -2.39 -16.35
CA GLY A 204 6.32 -0.99 -16.14
C GLY A 204 6.66 -0.61 -14.70
N ALA A 205 6.67 -1.60 -13.83
CA ALA A 205 6.97 -1.33 -12.42
C ALA A 205 8.47 -1.26 -12.14
N VAL A 206 8.79 -0.74 -10.97
CA VAL A 206 10.23 -0.66 -10.54
C VAL A 206 10.50 -1.63 -9.42
N ALA A 207 11.78 -1.95 -9.26
CA ALA A 207 12.22 -2.97 -8.31
C ALA A 207 13.17 -2.30 -7.32
N MET A 208 12.79 -2.34 -6.06
CA MET A 208 13.61 -1.69 -5.03
C MET A 208 14.35 -2.73 -4.17
N LEU A 209 15.66 -2.56 -4.03
CA LEU A 209 16.47 -3.46 -3.23
C LEU A 209 16.51 -3.01 -1.78
N TYR A 210 16.03 -3.88 -0.88
CA TYR A 210 16.09 -3.59 0.56
C TYR A 210 17.49 -3.88 1.08
N ASN A 211 18.04 -2.90 1.82
CA ASN A 211 19.32 -3.14 2.56
C ASN A 211 19.46 -2.06 3.64
N MET A 212 20.10 -2.43 4.73
CA MET A 212 20.48 -1.43 5.74
C MET A 212 21.37 -0.32 5.20
N ILE A 213 21.38 0.81 5.92
CA ILE A 213 22.19 1.96 5.47
C ILE A 213 23.50 2.13 6.20
N LEU A 214 23.63 1.51 7.38
CA LEU A 214 24.82 1.80 8.26
C LEU A 214 25.46 0.51 8.77
N ALA A 215 25.03 -0.64 8.32
CA ALA A 215 25.37 -1.92 8.97
C ALA A 215 26.51 -2.67 8.33
N GLN A 216 27.26 -3.38 9.17
CA GLN A 216 27.93 -4.53 8.65
C GLN A 216 27.76 -5.74 9.51
N ASN A 217 27.75 -6.90 8.87
CA ASN A 217 27.56 -8.13 9.62
C ASN A 217 28.84 -8.41 10.47
N ALA A 218 28.63 -8.81 11.71
CA ALA A 218 29.69 -8.84 12.77
C ALA A 218 30.70 -9.95 12.59
N ASN A 219 30.33 -10.95 11.79
CA ASN A 219 31.25 -12.08 11.58
C ASN A 219 31.94 -11.98 10.21
N GLU A 220 32.00 -10.76 9.69
CA GLU A 220 32.77 -10.51 8.48
C GLU A 220 33.80 -9.46 8.80
N THR A 221 34.93 -9.51 8.09
CA THR A 221 35.97 -8.50 8.26
C THR A 221 35.38 -7.12 7.96
N ALA A 222 35.74 -6.17 8.83
CA ALA A 222 35.28 -4.79 8.68
C ALA A 222 35.70 -4.22 7.35
N VAL A 223 34.76 -3.59 6.68
CA VAL A 223 35.02 -3.05 5.36
C VAL A 223 35.76 -1.72 5.45
N LEU A 224 35.79 -1.11 6.64
CA LEU A 224 36.51 0.16 6.90
C LEU A 224 37.09 0.13 8.29
N PRO A 225 38.08 1.03 8.53
CA PRO A 225 38.73 1.19 9.85
C PRO A 225 37.81 1.67 10.92
N ASP A 226 38.20 1.40 12.15
CA ASP A 226 37.36 1.73 13.32
C ASP A 226 37.13 3.21 13.50
N THR A 227 37.94 4.03 12.84
CA THR A 227 37.72 5.47 12.77
C THR A 227 36.32 5.78 12.21
N GLU A 228 35.72 4.79 11.52
CA GLU A 228 34.43 5.07 10.84
C GLU A 228 33.27 4.47 11.59
N TYR A 229 33.52 3.72 12.66
CA TYR A 229 32.42 3.13 13.44
C TYR A 229 31.70 4.22 14.27
N ILE A 230 30.46 3.96 14.63
CA ILE A 230 29.77 4.74 15.63
C ILE A 230 29.72 4.06 16.97
N TYR A 231 29.79 4.86 18.04
CA TYR A 231 29.94 4.38 19.42
C TYR A 231 28.80 4.78 20.32
N ASN A 232 28.48 3.96 21.31
CA ASN A 232 27.36 4.32 22.20
C ASN A 232 27.71 5.43 23.18
N TYR A 233 26.80 6.40 23.31
CA TYR A 233 27.00 7.45 24.32
C TYR A 233 26.77 6.90 25.72
N GLU A 234 25.70 6.12 25.89
CA GLU A 234 25.33 5.52 27.17
C GLU A 234 25.16 4.03 27.04
N THR A 235 25.55 3.33 28.10
CA THR A 235 25.38 1.88 28.17
C THR A 235 23.90 1.52 28.01
N GLY A 236 23.64 0.52 27.17
CA GLY A 236 22.26 0.19 26.77
C GLY A 236 22.15 -1.07 25.95
N GLY A 237 21.09 -1.13 25.17
CA GLY A 237 20.74 -2.28 24.35
C GLY A 237 21.71 -2.57 23.23
N TYR A 238 22.57 -1.59 22.90
CA TYR A 238 23.54 -1.77 21.82
C TYR A 238 24.94 -1.88 22.34
N GLY A 239 25.06 -2.08 23.66
CA GLY A 239 26.34 -2.29 24.26
C GLY A 239 26.73 -1.15 25.21
N GLN A 240 27.99 -1.19 25.64
CA GLN A 240 28.47 -0.27 26.68
C GLN A 240 28.84 1.10 26.12
N ASN A 241 28.75 2.14 26.94
CA ASN A 241 29.26 3.45 26.51
C ASN A 241 30.70 3.29 26.01
N GLY A 242 31.04 4.00 24.94
CA GLY A 242 32.40 4.05 24.41
C GLY A 242 32.77 2.80 23.62
N GLN A 243 31.80 1.90 23.44
CA GLN A 243 32.02 0.71 22.59
C GLN A 243 31.21 0.84 21.32
N VAL A 244 31.65 0.15 20.26
CA VAL A 244 30.91 0.25 18.98
C VAL A 244 29.44 -0.14 19.19
N MET A 245 28.55 0.60 18.54
CA MET A 245 27.11 0.28 18.56
C MET A 245 26.92 -1.08 17.89
N THR A 246 26.35 -2.01 18.65
CA THR A 246 26.27 -3.41 18.23
C THR A 246 24.87 -3.96 18.46
N TYR A 247 24.35 -4.62 17.44
CA TYR A 247 23.08 -5.32 17.60
C TYR A 247 23.45 -6.78 17.87
N SER A 248 22.98 -7.30 19.02
CA SER A 248 23.29 -8.68 19.44
C SER A 248 22.01 -9.40 19.82
N ILE A 249 22.04 -10.71 19.67
CA ILE A 249 20.99 -11.59 20.22
C ILE A 249 21.69 -12.59 21.10
N ASP A 250 21.16 -12.78 22.31
CA ASP A 250 21.66 -13.81 23.21
C ASP A 250 23.16 -13.73 23.45
N ASP A 251 23.64 -12.49 23.61
CA ASP A 251 25.05 -12.14 23.79
C ASP A 251 25.95 -12.45 22.60
N LYS A 252 25.39 -12.63 21.41
CA LYS A 252 26.20 -12.89 20.19
C LYS A 252 26.08 -11.66 19.28
N PRO A 253 27.20 -11.01 18.92
CA PRO A 253 27.01 -9.88 18.01
C PRO A 253 26.54 -10.30 16.61
N LEU A 254 25.58 -9.57 16.08
CA LEU A 254 25.08 -9.77 14.73
C LEU A 254 25.48 -8.67 13.75
N GLN A 255 25.39 -7.39 14.16
CA GLN A 255 25.72 -6.28 13.28
C GLN A 255 26.42 -5.18 14.10
N TYR A 256 27.36 -4.49 13.46
CA TYR A 256 27.97 -3.28 14.01
C TYR A 256 27.58 -2.14 13.08
N TYR A 257 27.67 -0.89 13.54
CA TYR A 257 27.22 0.21 12.72
C TYR A 257 28.26 1.29 12.49
N TYR A 258 28.20 1.87 11.30
CA TYR A 258 29.08 2.95 10.90
C TYR A 258 28.46 4.32 11.15
N ASN A 259 29.33 5.32 11.19
CA ASN A 259 28.92 6.68 11.43
C ASN A 259 28.29 7.24 10.14
N PRO A 260 27.05 7.74 10.17
CA PRO A 260 26.46 8.27 8.96
C PRO A 260 27.20 9.47 8.39
N LEU A 261 27.96 10.14 9.25
CA LEU A 261 28.76 11.28 8.83
C LEU A 261 30.13 10.90 8.28
N SER A 262 30.47 9.61 8.31
CA SER A 262 31.73 9.16 7.72
C SER A 262 31.67 9.29 6.18
N LYS A 263 32.52 10.12 5.59
CA LYS A 263 32.59 10.19 4.12
C LYS A 263 33.06 8.88 3.52
N SER A 264 33.99 8.18 4.19
CA SER A 264 34.45 6.87 3.68
C SER A 264 33.30 5.87 3.66
N TRP A 265 32.47 5.90 4.73
CA TRP A 265 31.31 4.97 4.72
C TRP A 265 30.32 5.41 3.66
N GLN A 266 30.08 6.71 3.53
CA GLN A 266 29.13 7.18 2.50
C GLN A 266 29.54 6.71 1.12
N ASN A 267 30.83 6.85 0.83
CA ASN A 267 31.35 6.42 -0.48
C ASN A 267 31.29 4.90 -0.64
N TYR A 268 31.66 4.18 0.42
CA TYR A 268 31.65 2.72 0.38
C TYR A 268 30.26 2.17 0.11
N ILE A 269 29.28 2.60 0.90
CA ILE A 269 27.95 1.93 0.84
C ILE A 269 27.18 2.40 -0.40
N SER A 270 27.34 3.64 -0.81
CA SER A 270 26.74 4.05 -2.06
C SER A 270 27.31 3.27 -3.24
N ASN A 271 28.65 3.13 -3.32
CA ASN A 271 29.21 2.38 -4.41
C ASN A 271 28.81 0.90 -4.33
N ALA A 272 28.78 0.31 -3.13
CA ALA A 272 28.37 -1.09 -3.00
C ALA A 272 26.95 -1.27 -3.47
N MET A 273 26.09 -0.32 -3.08
CA MET A 273 24.68 -0.46 -3.51
C MET A 273 24.55 -0.25 -5.01
N ALA A 274 25.28 0.73 -5.57
CA ALA A 274 25.20 0.92 -7.06
C ALA A 274 25.55 -0.36 -7.75
N GLN A 275 26.66 -1.03 -7.33
CA GLN A 275 27.06 -2.29 -7.99
C GLN A 275 26.06 -3.35 -7.81
N ALA A 276 25.49 -3.49 -6.60
CA ALA A 276 24.48 -4.50 -6.35
C ALA A 276 23.23 -4.22 -7.22
N MET A 277 22.79 -2.96 -7.29
CA MET A 277 21.58 -2.63 -8.07
C MET A 277 21.84 -2.91 -9.55
N LYS A 278 23.05 -2.58 -10.01
CA LYS A 278 23.33 -2.84 -11.46
C LYS A 278 23.45 -4.31 -11.73
N ASN A 279 23.98 -5.08 -10.76
CA ASN A 279 24.05 -6.56 -10.91
C ASN A 279 22.64 -7.16 -11.09
N GLY A 280 21.68 -6.66 -10.31
CA GLY A 280 20.35 -7.26 -10.36
C GLY A 280 19.37 -6.57 -11.27
N GLY A 281 19.72 -5.38 -11.80
CA GLY A 281 18.80 -4.54 -12.58
C GLY A 281 17.85 -3.75 -11.71
N PHE A 282 18.20 -3.56 -10.44
CA PHE A 282 17.29 -2.80 -9.55
C PHE A 282 17.23 -1.31 -9.87
N ASP A 283 16.11 -0.68 -9.44
CA ASP A 283 15.83 0.71 -9.76
C ASP A 283 16.06 1.64 -8.58
N GLY A 284 16.30 1.09 -7.38
CA GLY A 284 16.52 1.96 -6.24
C GLY A 284 16.65 1.11 -5.00
N TRP A 285 16.77 1.85 -3.89
CA TRP A 285 17.20 1.33 -2.61
C TRP A 285 16.11 1.61 -1.57
N GLN A 286 15.64 0.53 -0.99
CA GLN A 286 14.65 0.60 0.12
C GLN A 286 15.49 0.46 1.38
N GLY A 287 15.79 1.63 1.98
CA GLY A 287 16.71 1.61 3.13
C GLY A 287 16.13 1.23 4.47
N ASP A 288 16.96 0.71 5.36
CA ASP A 288 16.49 0.47 6.73
C ASP A 288 17.59 0.75 7.73
N THR A 289 17.18 0.84 9.01
CA THR A 289 18.12 1.04 10.14
C THR A 289 17.67 0.14 11.27
N ILE A 290 18.56 -0.12 12.24
CA ILE A 290 18.19 -0.98 13.38
C ILE A 290 17.34 -0.24 14.39
N GLY A 291 17.49 1.07 14.45
CA GLY A 291 16.73 1.84 15.50
C GLY A 291 17.59 3.01 15.89
N ASP A 292 17.00 4.01 16.53
CA ASP A 292 17.72 5.23 16.86
C ASP A 292 18.59 4.99 18.11
N ASN A 293 19.61 5.87 18.27
CA ASN A 293 20.54 5.71 19.39
C ASN A 293 21.32 7.00 19.49
N ARG A 294 21.66 7.35 20.73
CA ARG A 294 22.55 8.49 20.99
C ARG A 294 23.97 7.98 20.98
N VAL A 295 24.76 8.62 20.12
CA VAL A 295 26.05 8.07 19.71
C VAL A 295 27.15 9.11 19.75
N LEU A 296 28.36 8.56 19.71
CA LEU A 296 29.61 9.36 19.56
C LEU A 296 30.45 8.88 18.40
N SER A 297 31.10 9.84 17.72
CA SER A 297 32.12 9.49 16.72
C SER A 297 33.31 8.79 17.37
N HIS A 298 34.15 8.18 16.53
CA HIS A 298 35.33 7.53 17.06
C HIS A 298 36.26 8.51 17.86
N ASN A 299 36.43 9.72 17.31
CA ASN A 299 37.26 10.80 17.88
C ASN A 299 36.71 11.22 19.27
N GLN A 300 35.41 10.98 19.49
CA GLN A 300 34.73 11.35 20.75
C GLN A 300 34.26 10.15 21.61
N LYS A 301 34.75 8.94 21.33
CA LYS A 301 34.13 7.75 21.92
C LYS A 301 34.28 7.67 23.43
N ASP A 302 35.28 8.38 23.95
CA ASP A 302 35.55 8.33 25.35
C ASP A 302 34.89 9.50 26.09
N SER A 303 34.17 10.37 25.38
CA SER A 303 33.61 11.56 26.04
C SER A 303 32.37 11.17 26.85
N ARG A 304 32.20 11.77 28.03
CA ARG A 304 30.95 11.67 28.76
C ARG A 304 30.07 12.92 28.60
N ASP A 305 30.51 13.86 27.77
CA ASP A 305 29.79 15.12 27.57
C ASP A 305 28.67 14.90 26.57
N ILE A 306 27.40 15.02 26.99
CA ILE A 306 26.28 14.83 26.06
C ILE A 306 26.32 15.79 24.84
N ALA A 307 26.87 17.00 25.00
CA ALA A 307 26.87 17.93 23.84
C ALA A 307 27.80 17.45 22.75
N HIS A 308 28.64 16.46 23.03
CA HIS A 308 29.51 15.87 21.98
C HIS A 308 28.84 14.70 21.27
N SER A 309 27.69 14.30 21.79
CA SER A 309 26.95 13.18 21.20
C SER A 309 25.89 13.65 20.22
N PHE A 310 25.25 12.73 19.51
CA PHE A 310 24.18 13.11 18.62
C PHE A 310 23.24 11.92 18.46
N MET A 311 21.97 12.19 18.10
CA MET A 311 21.11 11.06 17.78
C MET A 311 21.35 10.69 16.30
N LEU A 312 21.38 9.41 16.04
CA LEU A 312 21.51 8.94 14.63
C LEU A 312 20.46 9.61 13.78
N SER A 313 19.23 9.71 14.29
CA SER A 313 18.17 10.25 13.45
C SER A 313 18.39 11.71 13.10
N ASP A 314 19.24 12.41 13.85
CA ASP A 314 19.49 13.79 13.47
C ASP A 314 20.47 13.95 12.33
N VAL A 315 21.08 12.85 11.88
CA VAL A 315 21.98 12.87 10.72
C VAL A 315 21.46 12.07 9.55
N TYR A 316 20.31 11.42 9.69
CA TYR A 316 19.77 10.68 8.52
C TYR A 316 19.51 11.56 7.33
N ALA A 317 18.99 12.79 7.53
CA ALA A 317 18.64 13.62 6.35
C ALA A 317 19.89 13.92 5.54
N GLU A 318 20.96 14.32 6.22
CA GLU A 318 22.23 14.55 5.53
C GLU A 318 22.80 13.31 4.83
N PHE A 319 22.73 12.16 5.51
CA PHE A 319 23.18 10.93 4.92
C PHE A 319 22.35 10.61 3.68
N LEU A 320 21.02 10.76 3.76
CA LEU A 320 20.22 10.42 2.58
C LEU A 320 20.50 11.39 1.45
N ASN A 321 20.76 12.67 1.75
CA ASN A 321 21.03 13.62 0.66
C ASN A 321 22.33 13.22 -0.02
N LYS A 322 23.29 12.73 0.77
CA LYS A 322 24.55 12.26 0.16
C LYS A 322 24.32 11.02 -0.70
N MET A 323 23.46 10.10 -0.23
CA MET A 323 23.19 8.94 -1.04
C MET A 323 22.51 9.34 -2.34
N LYS A 324 21.56 10.28 -2.28
CA LYS A 324 20.90 10.68 -3.52
C LYS A 324 21.86 11.28 -4.52
N GLU A 325 22.76 12.11 -4.03
CA GLU A 325 23.79 12.66 -4.91
C GLU A 325 24.69 11.62 -5.52
N LYS A 326 24.97 10.55 -4.76
CA LYS A 326 25.88 9.53 -5.26
C LYS A 326 25.17 8.43 -6.07
N LEU A 327 23.84 8.45 -6.00
CA LEU A 327 23.00 7.46 -6.70
C LEU A 327 21.95 8.18 -7.51
N PRO A 328 22.34 9.08 -8.44
CA PRO A 328 21.38 10.03 -8.94
C PRO A 328 20.23 9.46 -9.81
N GLN A 329 20.49 8.34 -10.46
CA GLN A 329 19.48 7.73 -11.33
C GLN A 329 18.63 6.68 -10.62
N TYR A 330 18.79 6.60 -9.29
CA TYR A 330 18.12 5.58 -8.50
C TYR A 330 17.11 6.20 -7.55
N TYR A 331 16.05 5.46 -7.26
CA TYR A 331 15.13 5.93 -6.24
C TYR A 331 15.62 5.57 -4.84
N LEU A 332 15.24 6.39 -3.88
CA LEU A 332 15.77 6.21 -2.52
C LEU A 332 14.64 6.46 -1.52
N THR A 333 14.52 5.57 -0.55
CA THR A 333 13.71 5.84 0.63
C THR A 333 14.31 5.18 1.86
N LEU A 334 13.92 5.63 3.05
CA LEU A 334 14.40 5.04 4.32
C LEU A 334 13.22 4.84 5.24
N ASN A 335 13.01 3.63 5.68
CA ASN A 335 11.98 3.40 6.70
C ASN A 335 12.22 4.29 7.92
N ASP A 336 11.18 4.99 8.32
CA ASP A 336 11.18 5.74 9.60
C ASP A 336 10.15 5.05 10.47
N VAL A 337 10.62 4.19 11.34
CA VAL A 337 9.75 3.29 12.14
C VAL A 337 8.86 4.15 13.02
N ASN A 338 7.57 3.86 12.92
CA ASN A 338 6.54 4.61 13.60
C ASN A 338 6.39 6.07 13.19
N GLY A 339 7.09 6.50 12.14
CA GLY A 339 6.98 7.85 11.66
C GLY A 339 7.40 8.93 12.67
N GLU A 340 8.32 8.57 13.55
CA GLU A 340 8.74 9.44 14.70
C GLU A 340 9.24 10.78 14.20
N ASN A 341 9.94 10.72 13.07
CA ASN A 341 10.86 11.76 12.66
C ASN A 341 10.54 12.52 11.39
N ILE A 342 9.28 12.61 10.99
CA ILE A 342 9.03 13.30 9.75
C ILE A 342 9.52 14.72 9.79
N SER A 343 9.48 15.35 10.96
CA SER A 343 9.86 16.77 11.03
C SER A 343 11.33 16.92 10.67
N LYS A 344 12.17 15.99 11.14
CA LYS A 344 13.63 16.04 10.90
C LYS A 344 13.95 15.75 9.45
N LEU A 345 13.13 14.88 8.87
CA LEU A 345 13.41 14.31 7.59
C LEU A 345 12.73 14.95 6.40
N ALA A 346 11.89 15.96 6.65
CA ALA A 346 10.98 16.48 5.65
C ALA A 346 11.65 17.03 4.43
N ASN A 347 12.86 17.56 4.60
CA ASN A 347 13.60 18.12 3.48
C ASN A 347 14.60 17.18 2.83
N SER A 348 14.68 15.96 3.33
CA SER A 348 15.63 14.99 2.77
C SER A 348 15.21 14.59 1.36
N LYS A 349 16.17 14.15 0.59
CA LYS A 349 15.90 13.92 -0.84
C LYS A 349 15.38 12.48 -1.10
N GLN A 350 14.42 12.05 -0.31
CA GLN A 350 13.80 10.74 -0.57
C GLN A 350 12.77 10.89 -1.67
N ASP A 351 12.65 9.87 -2.52
CA ASP A 351 11.68 9.90 -3.59
C ASP A 351 10.27 9.56 -3.16
N VAL A 352 10.16 8.67 -2.18
CA VAL A 352 8.87 8.32 -1.55
C VAL A 352 9.07 8.31 -0.04
N ILE A 353 7.99 8.45 0.71
CA ILE A 353 8.06 8.38 2.15
C ILE A 353 7.44 7.04 2.57
N TYR A 354 8.18 6.26 3.35
CA TYR A 354 7.79 4.93 3.78
C TYR A 354 7.89 4.89 5.32
N ASN A 355 6.81 4.50 6.00
CA ASN A 355 6.85 4.28 7.48
C ASN A 355 6.27 2.94 7.83
N GLU A 356 7.00 2.13 8.56
CA GLU A 356 6.45 0.92 9.19
C GLU A 356 5.79 1.34 10.48
N LEU A 357 4.46 1.15 10.58
CA LEU A 357 3.73 1.61 11.76
C LEU A 357 3.28 0.49 12.63
N TRP A 358 3.42 0.68 13.94
CA TRP A 358 3.02 -0.35 14.94
C TRP A 358 2.04 0.28 15.91
N PRO A 359 1.19 -0.55 16.47
CA PRO A 359 0.16 -0.03 17.34
C PRO A 359 0.73 0.59 18.61
N PHE A 360 1.96 0.23 18.98
CA PHE A 360 2.58 0.74 20.22
C PHE A 360 3.35 2.01 19.97
N GLY A 361 3.47 2.45 18.72
CA GLY A 361 4.09 3.75 18.46
C GLY A 361 3.22 4.87 19.01
N THR A 362 3.80 6.04 19.24
CA THR A 362 3.02 7.21 19.64
C THR A 362 2.30 7.76 18.42
N SER A 363 1.01 8.00 18.58
CA SER A 363 0.20 8.60 17.51
C SER A 363 0.56 10.00 17.11
N ALA A 364 0.38 10.30 15.84
CA ALA A 364 0.47 11.69 15.39
C ALA A 364 -0.59 12.61 16.01
N LEU A 365 -1.65 12.02 16.56
CA LEU A 365 -2.71 12.77 17.26
C LEU A 365 -2.23 13.34 18.58
N GLY A 366 -1.26 12.71 19.20
CA GLY A 366 -0.77 13.20 20.48
C GLY A 366 -0.47 12.01 21.34
N ASN A 367 -0.79 12.13 22.63
CA ASN A 367 -0.38 11.16 23.63
C ASN A 367 -1.37 10.02 23.80
N ARG A 368 -1.32 9.18 22.78
CA ARG A 368 -2.04 7.95 22.76
C ARG A 368 -1.22 7.06 21.82
N PRO A 369 -1.43 5.74 21.91
CA PRO A 369 -0.80 4.80 20.98
C PRO A 369 -1.47 4.87 19.61
N GLN A 370 -0.70 4.46 18.61
CA GLN A 370 -1.09 4.50 17.19
C GLN A 370 -1.89 3.25 16.87
N GLU A 371 -2.97 3.01 17.61
CA GLU A 371 -3.58 1.68 17.48
C GLU A 371 -4.90 1.63 16.69
N SER A 372 -5.44 2.78 16.38
CA SER A 372 -6.77 2.83 15.74
C SER A 372 -6.67 3.30 14.27
N TYR A 373 -7.74 3.10 13.51
CA TYR A 373 -7.72 3.55 12.08
C TYR A 373 -7.44 5.05 12.02
N GLY A 374 -8.00 5.83 12.97
CA GLY A 374 -7.75 7.27 12.98
C GLY A 374 -6.31 7.65 13.19
N ASP A 375 -5.57 6.80 13.93
CA ASP A 375 -4.11 7.10 14.09
C ASP A 375 -3.37 6.91 12.78
N LEU A 376 -3.80 5.94 11.95
CA LEU A 376 -3.18 5.76 10.61
C LEU A 376 -3.45 6.98 9.75
N LYS A 377 -4.69 7.48 9.78
CA LYS A 377 -5.02 8.70 9.03
C LYS A 377 -4.15 9.89 9.48
N ALA A 378 -3.99 10.00 10.77
CA ALA A 378 -3.26 11.17 11.28
C ALA A 378 -1.80 11.14 10.84
N ARG A 379 -1.22 9.97 10.71
CA ARG A 379 0.18 9.86 10.33
C ARG A 379 0.27 10.22 8.85
N VAL A 380 -0.64 9.66 8.04
CA VAL A 380 -0.71 10.00 6.63
C VAL A 380 -0.81 11.52 6.44
N ASP A 381 -1.73 12.15 7.16
CA ASP A 381 -1.89 13.61 7.07
C ASP A 381 -0.61 14.36 7.50
N GLN A 382 0.03 13.89 8.56
CA GLN A 382 1.26 14.57 9.02
C GLN A 382 2.33 14.56 7.96
N VAL A 383 2.47 13.44 7.28
CA VAL A 383 3.46 13.35 6.18
C VAL A 383 3.09 14.26 5.03
N ARG A 384 1.80 14.28 4.65
CA ARG A 384 1.37 15.16 3.56
C ARG A 384 1.65 16.62 3.92
N GLN A 385 1.36 16.96 5.18
CA GLN A 385 1.57 18.38 5.61
C GLN A 385 3.04 18.76 5.52
N ALA A 386 3.91 17.83 5.89
CA ALA A 386 5.33 18.14 5.97
C ALA A 386 6.05 18.07 4.65
N THR A 387 5.56 17.20 3.73
CA THR A 387 6.35 16.89 2.54
C THR A 387 5.61 17.01 1.22
N GLY A 388 4.26 17.07 1.30
CA GLY A 388 3.40 17.07 0.13
C GLY A 388 3.28 15.69 -0.52
N LYS A 389 3.85 14.65 0.11
CA LYS A 389 3.84 13.31 -0.47
C LYS A 389 2.88 12.39 0.21
N SER A 390 2.46 11.37 -0.55
CA SER A 390 1.57 10.32 -0.03
C SER A 390 2.39 9.24 0.69
N LEU A 391 2.07 9.04 1.98
CA LEU A 391 2.77 8.09 2.82
C LEU A 391 2.46 6.64 2.45
N ILE A 392 3.53 5.88 2.20
CA ILE A 392 3.45 4.43 2.07
C ILE A 392 3.52 3.89 3.49
N VAL A 393 2.50 3.13 3.89
CA VAL A 393 2.42 2.56 5.25
C VAL A 393 2.61 1.08 5.26
N GLY A 394 3.60 0.61 6.02
CA GLY A 394 3.68 -0.84 6.36
C GLY A 394 2.88 -0.97 7.66
N ALA A 395 1.79 -1.76 7.65
CA ALA A 395 0.93 -1.90 8.86
C ALA A 395 0.50 -3.35 8.84
N TYR A 396 1.35 -4.20 9.39
CA TYR A 396 1.16 -5.64 9.16
C TYR A 396 0.01 -6.16 9.96
N MET A 397 -0.77 -7.02 9.32
CA MET A 397 -2.08 -7.38 9.88
C MET A 397 -2.03 -8.66 10.73
N GLU A 398 -2.66 -8.55 11.91
CA GLU A 398 -2.98 -9.67 12.85
C GLU A 398 -1.75 -10.12 13.63
N GLU A 399 -0.66 -10.40 12.94
CA GLU A 399 0.58 -10.88 13.58
C GLU A 399 0.32 -11.95 14.67
N PRO A 400 -0.20 -13.10 14.30
CA PRO A 400 -0.31 -14.18 15.31
C PRO A 400 1.05 -14.44 16.00
N LYS A 401 1.01 -14.55 17.33
CA LYS A 401 2.25 -14.78 18.12
C LYS A 401 2.03 -15.92 19.09
N PHE A 402 3.07 -16.74 19.23
CA PHE A 402 2.96 -17.91 20.11
C PHE A 402 4.04 -17.87 21.16
N ASP A 403 3.75 -18.55 22.28
CA ASP A 403 4.81 -19.01 23.15
C ASP A 403 5.30 -20.41 22.71
N ASP A 404 6.17 -20.96 23.54
CA ASP A 404 6.92 -22.15 23.25
C ASP A 404 6.13 -23.46 23.32
N ASN A 405 5.14 -23.49 24.22
CA ASN A 405 4.12 -24.53 24.21
C ASN A 405 3.04 -24.36 23.12
N ARG A 406 3.34 -23.51 22.12
CA ARG A 406 2.33 -23.06 21.14
C ARG A 406 1.03 -22.66 21.77
N ILE A 407 1.10 -22.00 22.93
CA ILE A 407 -0.10 -21.45 23.57
C ILE A 407 -0.31 -20.17 22.74
N PRO A 408 -1.53 -19.90 22.28
CA PRO A 408 -1.62 -18.58 21.60
C PRO A 408 -1.34 -17.35 22.55
N LEU A 409 -0.59 -16.33 22.11
CA LEU A 409 -0.40 -15.10 22.90
C LEU A 409 -1.42 -14.04 22.47
N ASN A 410 -2.07 -14.32 21.35
CA ASN A 410 -3.20 -13.49 20.90
C ASN A 410 -4.23 -14.30 20.17
N GLY A 411 -5.37 -13.69 19.87
CA GLY A 411 -6.49 -14.39 19.27
C GLY A 411 -6.15 -14.83 17.86
N ALA A 412 -5.34 -14.04 17.14
CA ALA A 412 -4.91 -14.47 15.81
C ALA A 412 -4.13 -15.78 15.83
N ALA A 413 -3.38 -16.01 16.91
CA ALA A 413 -2.63 -17.29 17.06
C ALA A 413 -3.63 -18.45 17.32
N ARG A 414 -4.74 -18.17 18.01
CA ARG A 414 -5.85 -19.17 18.10
C ARG A 414 -6.44 -19.53 16.72
N ASP A 415 -6.55 -18.54 15.85
CA ASP A 415 -6.99 -18.78 14.50
C ASP A 415 -5.99 -19.65 13.75
N VAL A 416 -4.70 -19.43 13.97
CA VAL A 416 -3.65 -20.20 13.31
C VAL A 416 -3.81 -21.68 13.70
N LEU A 417 -4.07 -21.92 14.97
CA LEU A 417 -4.23 -23.34 15.38
C LEU A 417 -5.45 -24.03 14.80
N ALA A 418 -6.46 -23.23 14.43
CA ALA A 418 -7.68 -23.69 13.83
C ALA A 418 -7.57 -23.77 12.27
N SER A 419 -6.36 -23.54 11.74
CA SER A 419 -6.07 -23.46 10.32
C SER A 419 -7.03 -22.50 9.65
N ALA A 420 -7.19 -21.32 10.26
CA ALA A 420 -8.13 -20.33 9.78
C ALA A 420 -7.52 -19.39 8.72
N THR A 421 -8.38 -18.51 8.21
CA THR A 421 -7.99 -17.51 7.21
C THR A 421 -7.65 -16.20 7.91
N TYR A 422 -6.97 -15.31 7.21
CA TYR A 422 -6.94 -13.88 7.63
C TYR A 422 -8.38 -13.40 7.73
N GLN A 423 -8.63 -12.50 8.67
CA GLN A 423 -9.95 -11.94 8.74
C GLN A 423 -10.14 -10.86 7.68
N THR A 424 -10.77 -11.28 6.57
CA THR A 424 -10.88 -10.43 5.34
C THR A 424 -11.23 -8.99 5.60
N ASP A 425 -12.31 -8.75 6.33
CA ASP A 425 -12.71 -7.35 6.54
C ASP A 425 -11.75 -6.55 7.39
N ALA A 426 -11.00 -7.21 8.29
CA ALA A 426 -9.99 -6.48 9.07
C ALA A 426 -8.90 -5.93 8.13
N VAL A 427 -8.44 -6.74 7.20
CA VAL A 427 -7.40 -6.33 6.25
C VAL A 427 -7.92 -5.22 5.38
N LEU A 428 -9.16 -5.38 4.88
CA LEU A 428 -9.76 -4.34 3.99
C LEU A 428 -9.95 -3.02 4.68
N LEU A 429 -10.37 -3.04 5.94
CA LEU A 429 -10.55 -1.77 6.65
C LEU A 429 -9.27 -1.02 6.88
N THR A 430 -8.16 -1.75 7.13
CA THR A 430 -6.89 -1.08 7.29
C THR A 430 -6.42 -0.49 5.94
N THR A 431 -6.56 -1.26 4.86
CA THR A 431 -6.24 -0.75 3.56
C THR A 431 -7.10 0.50 3.23
N ALA A 432 -8.40 0.44 3.54
CA ALA A 432 -9.32 1.58 3.33
C ALA A 432 -8.94 2.81 4.16
N ALA A 433 -8.65 2.57 5.44
CA ALA A 433 -8.32 3.70 6.34
C ALA A 433 -7.10 4.49 5.80
N ILE A 434 -6.11 3.75 5.37
CA ILE A 434 -4.87 4.36 4.88
C ILE A 434 -5.12 5.06 3.54
N ALA A 435 -5.81 4.40 2.61
CA ALA A 435 -6.02 5.03 1.28
C ALA A 435 -6.99 6.18 1.35
N ALA A 436 -8.04 6.08 2.16
CA ALA A 436 -9.02 7.19 2.28
C ALA A 436 -8.35 8.47 2.78
N ALA A 437 -7.34 8.29 3.65
CA ALA A 437 -6.59 9.45 4.22
C ALA A 437 -5.61 10.04 3.23
N GLY A 438 -5.35 9.33 2.12
CA GLY A 438 -4.41 9.85 1.10
C GLY A 438 -3.10 9.08 1.04
N GLY A 439 -3.00 7.94 1.72
CA GLY A 439 -1.76 7.12 1.76
C GLY A 439 -1.89 5.86 0.91
N TYR A 440 -0.95 4.93 1.10
CA TYR A 440 -1.08 3.62 0.45
C TYR A 440 -0.60 2.54 1.46
N HIS A 441 -1.42 1.49 1.67
CA HIS A 441 -1.05 0.42 2.57
C HIS A 441 -0.26 -0.61 1.81
N MET A 442 1.02 -0.73 2.14
CA MET A 442 1.88 -1.75 1.50
C MET A 442 1.58 -3.05 2.20
N SER A 443 0.76 -3.89 1.58
CA SER A 443 0.13 -5.03 2.24
C SER A 443 0.30 -6.28 1.39
N LEU A 444 0.33 -6.13 0.08
CA LEU A 444 0.26 -7.30 -0.81
C LEU A 444 1.67 -7.85 -1.02
N ALA A 445 1.82 -9.14 -1.18
CA ALA A 445 3.15 -9.77 -1.31
C ALA A 445 3.17 -11.00 -2.22
N ALA A 446 4.25 -11.11 -2.99
CA ALA A 446 4.49 -12.29 -3.82
C ALA A 446 5.53 -13.10 -3.07
N LEU A 447 5.12 -14.22 -2.47
CA LEU A 447 5.97 -14.95 -1.58
C LEU A 447 6.08 -16.43 -1.96
N ALA A 448 5.50 -16.78 -3.10
CA ALA A 448 5.45 -18.21 -3.49
C ALA A 448 5.03 -19.09 -2.28
N ASN A 449 3.98 -18.69 -1.58
CA ASN A 449 3.61 -19.34 -0.31
C ASN A 449 2.26 -20.03 -0.46
N PRO A 450 2.19 -21.32 -0.10
CA PRO A 450 0.94 -22.10 -0.26
C PRO A 450 -0.25 -21.58 0.52
N ASN A 451 -0.02 -20.94 1.65
CA ASN A 451 -1.14 -20.37 2.39
C ASN A 451 -1.81 -19.20 1.67
N ASP A 452 -1.20 -18.68 0.59
CA ASP A 452 -1.85 -17.65 -0.21
C ASP A 452 -2.82 -18.19 -1.25
N GLY A 453 -2.92 -19.52 -1.28
CA GLY A 453 -3.95 -20.21 -2.07
C GLY A 453 -4.00 -19.87 -3.55
N GLY A 454 -2.83 -19.65 -4.15
CA GLY A 454 -2.83 -19.24 -5.58
C GLY A 454 -2.96 -17.74 -5.86
N GLY A 455 -3.20 -16.95 -4.80
CA GLY A 455 -3.41 -15.52 -4.94
C GLY A 455 -2.20 -14.81 -4.40
N VAL A 456 -2.42 -13.60 -3.97
CA VAL A 456 -1.27 -12.84 -3.45
C VAL A 456 -1.35 -12.81 -1.94
N GLY A 457 -0.18 -12.76 -1.32
CA GLY A 457 -0.12 -12.74 0.16
C GLY A 457 -0.47 -11.42 0.78
N VAL A 458 -0.65 -11.48 2.10
CA VAL A 458 -0.92 -10.26 2.90
C VAL A 458 0.10 -10.18 4.01
N LEU A 459 0.83 -9.08 4.13
CA LEU A 459 1.93 -9.03 5.11
C LEU A 459 1.37 -9.07 6.53
N GLU A 460 1.93 -9.98 7.34
CA GLU A 460 1.41 -10.28 8.70
C GLU A 460 2.40 -9.92 9.78
N THR A 461 3.67 -9.77 9.41
CA THR A 461 4.74 -9.58 10.41
C THR A 461 5.93 -8.93 9.73
N ALA A 462 6.90 -8.48 10.51
CA ALA A 462 8.08 -7.82 9.95
C ALA A 462 8.88 -8.79 9.05
N TYR A 463 8.87 -10.09 9.36
CA TYR A 463 9.55 -11.02 8.49
C TYR A 463 8.59 -11.45 7.39
N TYR A 464 8.65 -10.72 6.25
CA TYR A 464 7.60 -10.81 5.26
C TYR A 464 7.26 -12.22 4.75
N PRO A 465 8.27 -13.16 4.63
CA PRO A 465 7.91 -14.50 4.07
C PRO A 465 6.91 -15.29 4.89
N THR A 466 6.70 -14.95 6.16
CA THR A 466 5.79 -15.71 7.01
C THR A 466 4.32 -15.51 6.66
N GLN A 467 3.61 -16.61 6.36
CA GLN A 467 2.18 -16.54 6.18
C GLN A 467 1.56 -17.65 7.02
N SER A 468 1.04 -17.31 8.19
CA SER A 468 0.56 -18.29 9.17
C SER A 468 -0.92 -18.56 8.99
N LEU A 469 -1.60 -17.66 8.29
CA LEU A 469 -3.04 -17.78 8.04
C LEU A 469 -3.27 -17.90 6.53
N LYS A 470 -4.43 -18.41 6.15
CA LYS A 470 -4.74 -18.54 4.72
C LYS A 470 -5.35 -17.29 4.17
N VAL A 471 -4.99 -16.91 2.93
CA VAL A 471 -5.70 -15.82 2.24
C VAL A 471 -6.90 -16.49 1.56
N SER A 472 -8.09 -16.20 2.05
CA SER A 472 -9.26 -16.73 1.37
C SER A 472 -9.42 -16.25 -0.05
N LYS A 473 -10.15 -17.02 -0.85
CA LYS A 473 -10.45 -16.52 -2.18
C LYS A 473 -11.21 -15.21 -2.10
N GLU A 474 -12.07 -15.03 -1.10
CA GLU A 474 -12.82 -13.78 -0.93
C GLU A 474 -11.84 -12.62 -0.70
N LEU A 475 -10.86 -12.82 0.18
CA LEU A 475 -9.94 -11.70 0.43
C LEU A 475 -9.10 -11.43 -0.83
N ASN A 476 -8.67 -12.48 -1.54
CA ASN A 476 -7.93 -12.19 -2.79
C ASN A 476 -8.74 -11.33 -3.76
N ARG A 477 -10.02 -11.68 -3.98
CA ARG A 477 -10.86 -10.94 -4.89
C ARG A 477 -11.14 -9.54 -4.36
N LYS A 478 -11.43 -9.40 -3.06
CA LYS A 478 -11.70 -8.06 -2.58
C LYS A 478 -10.42 -7.18 -2.52
N ASN A 479 -9.26 -7.79 -2.26
CA ASN A 479 -7.99 -7.02 -2.34
C ASN A 479 -7.88 -6.50 -3.78
N TYR A 480 -8.19 -7.34 -4.78
CA TYR A 480 -8.13 -6.84 -6.16
C TYR A 480 -9.09 -5.68 -6.39
N HIS A 481 -10.33 -5.79 -5.92
CA HIS A 481 -11.24 -4.68 -6.04
C HIS A 481 -10.73 -3.38 -5.41
N TYR A 482 -10.15 -3.50 -4.22
CA TYR A 482 -9.68 -2.34 -3.51
C TYR A 482 -8.48 -1.72 -4.25
N GLN A 483 -7.59 -2.54 -4.84
CA GLN A 483 -6.45 -1.93 -5.56
C GLN A 483 -6.99 -1.19 -6.81
N GLN A 484 -8.04 -1.70 -7.46
CA GLN A 484 -8.57 -0.94 -8.64
C GLN A 484 -9.10 0.39 -8.17
N PHE A 485 -9.77 0.43 -7.02
CA PHE A 485 -10.36 1.66 -6.52
C PHE A 485 -9.27 2.69 -6.19
N ILE A 486 -8.21 2.19 -5.53
CA ILE A 486 -7.14 3.10 -5.06
C ILE A 486 -6.38 3.67 -6.28
N THR A 487 -6.37 2.93 -7.38
CA THR A 487 -5.80 3.42 -8.61
C THR A 487 -6.75 4.38 -9.35
N ALA A 488 -7.96 3.92 -9.65
CA ALA A 488 -8.92 4.73 -10.41
C ALA A 488 -9.26 6.07 -9.82
N TYR A 489 -9.25 6.18 -8.49
CA TYR A 489 -9.62 7.42 -7.81
C TYR A 489 -8.48 8.09 -7.09
N GLU A 490 -7.25 7.73 -7.49
CA GLU A 490 -6.08 8.39 -6.93
C GLU A 490 -6.17 9.95 -6.99
N ASN A 491 -6.79 10.51 -8.04
CA ASN A 491 -6.80 11.97 -8.14
C ASN A 491 -7.81 12.58 -7.12
N LEU A 492 -8.79 11.79 -6.67
CA LEU A 492 -9.68 12.25 -5.62
C LEU A 492 -9.10 11.97 -4.21
N LEU A 493 -8.21 10.96 -4.12
CA LEU A 493 -7.72 10.58 -2.81
C LEU A 493 -6.42 11.29 -2.41
N ARG A 494 -5.54 11.58 -3.37
CA ARG A 494 -4.17 12.01 -3.04
C ARG A 494 -3.50 12.84 -4.15
N ASP A 495 -4.28 13.68 -4.81
CA ASP A 495 -3.64 14.64 -5.78
C ASP A 495 -4.08 16.04 -5.38
N LYS A 496 -3.24 16.72 -4.58
CA LYS A 496 -3.61 18.06 -4.07
C LYS A 496 -4.98 18.08 -3.41
N VAL A 497 -5.14 17.09 -2.51
CA VAL A 497 -6.35 16.90 -1.73
C VAL A 497 -5.95 17.04 -0.26
N GLU A 498 -6.66 17.89 0.48
CA GLU A 498 -6.39 18.18 1.89
C GLU A 498 -7.58 18.00 2.79
N ASN A 499 -7.34 17.94 4.11
CA ASN A 499 -8.44 17.92 5.00
C ASN A 499 -9.34 19.14 4.82
N ASP A 500 -10.63 18.95 5.05
CA ASP A 500 -11.66 20.01 4.94
C ASP A 500 -12.21 20.24 6.36
N SER A 501 -12.27 21.51 6.80
CA SER A 501 -12.84 21.75 8.13
C SER A 501 -14.39 21.65 8.14
N ALA A 502 -15.04 21.65 6.98
CA ALA A 502 -16.50 21.37 6.89
C ALA A 502 -16.76 20.01 7.51
N GLU A 503 -17.74 19.90 8.39
CA GLU A 503 -17.98 18.63 9.10
C GLU A 503 -19.24 17.94 8.58
N PRO A 504 -19.07 16.97 7.67
CA PRO A 504 -20.20 16.14 7.28
C PRO A 504 -20.64 15.26 8.42
N GLN A 505 -21.93 14.88 8.38
CA GLN A 505 -22.52 13.93 9.36
C GLN A 505 -23.34 12.89 8.67
N THR A 506 -23.49 11.74 9.30
CA THR A 506 -24.18 10.60 8.69
C THR A 506 -25.28 10.14 9.64
N PHE A 507 -26.45 9.91 9.05
CA PHE A 507 -27.66 9.52 9.78
C PHE A 507 -28.31 8.32 9.14
N THR A 508 -29.02 7.53 9.95
CA THR A 508 -29.95 6.57 9.39
C THR A 508 -31.23 7.27 8.99
N ALA A 509 -32.12 6.51 8.36
CA ALA A 509 -33.43 7.07 8.00
C ALA A 509 -34.34 7.22 9.19
N ASN A 510 -34.02 6.56 10.30
CA ASN A 510 -34.91 6.50 11.45
C ASN A 510 -34.43 7.22 12.66
N GLY A 511 -33.61 8.25 12.44
CA GLY A 511 -33.28 9.17 13.53
C GLY A 511 -31.97 9.00 14.27
N ARG A 512 -31.09 8.11 13.82
CA ARG A 512 -29.83 7.96 14.56
C ARG A 512 -28.75 8.76 13.85
N GLN A 513 -27.91 9.46 14.58
CA GLN A 513 -26.66 9.99 14.04
C GLN A 513 -25.57 8.91 14.17
N LEU A 514 -25.06 8.46 13.03
CA LEU A 514 -24.03 7.41 13.07
C LEU A 514 -22.62 7.92 13.15
N SER A 515 -22.37 9.16 12.74
CA SER A 515 -21.03 9.75 12.85
C SER A 515 -20.87 10.33 14.25
N GLN A 516 -19.91 9.78 14.98
CA GLN A 516 -19.75 10.15 16.40
C GLN A 516 -18.38 10.68 16.71
N ASP A 517 -17.35 10.32 15.95
CA ASP A 517 -15.97 10.73 16.30
C ASP A 517 -15.18 10.88 15.02
N ALA A 518 -15.06 12.10 14.53
CA ALA A 518 -14.40 12.29 13.22
C ALA A 518 -12.92 11.96 13.25
N LEU A 519 -12.30 11.86 14.43
CA LEU A 519 -10.90 11.40 14.48
C LEU A 519 -10.71 9.92 14.20
N GLY A 520 -11.78 9.12 14.28
CA GLY A 520 -11.66 7.69 13.94
C GLY A 520 -10.93 6.86 14.99
N ILE A 521 -10.96 7.33 16.23
CA ILE A 521 -10.34 6.60 17.28
C ILE A 521 -11.36 5.78 18.06
N ASN A 522 -12.64 6.02 17.87
CA ASN A 522 -13.69 5.17 18.44
C ASN A 522 -14.37 4.36 17.38
N GLY A 523 -14.77 3.16 17.73
CA GLY A 523 -15.53 2.33 16.79
C GLY A 523 -17.02 2.57 16.94
N ASP A 524 -17.80 1.61 16.41
CA ASP A 524 -19.26 1.68 16.46
C ASP A 524 -19.82 3.02 16.00
N GLN A 525 -19.40 3.38 14.78
CA GLN A 525 -19.86 4.60 14.15
C GLN A 525 -19.66 4.44 12.66
N VAL A 526 -20.27 5.34 11.88
CA VAL A 526 -19.81 5.50 10.48
C VAL A 526 -18.82 6.67 10.56
N TRP A 527 -17.54 6.32 10.49
CA TRP A 527 -16.50 7.36 10.52
C TRP A 527 -16.60 8.18 9.26
N THR A 528 -16.85 9.47 9.46
CA THR A 528 -17.25 10.36 8.36
C THR A 528 -16.35 11.60 8.43
N TYR A 529 -15.69 11.93 7.31
CA TYR A 529 -14.91 13.17 7.25
C TYR A 529 -14.80 13.62 5.80
N ALA A 530 -14.43 14.89 5.60
CA ALA A 530 -14.37 15.40 4.22
C ALA A 530 -12.94 15.79 3.83
N LYS A 531 -12.75 15.85 2.53
CA LYS A 531 -11.47 16.31 1.96
C LYS A 531 -11.80 17.29 0.85
N LYS A 532 -10.85 18.17 0.55
CA LYS A 532 -11.07 19.24 -0.40
C LYS A 532 -9.95 19.18 -1.44
N GLY A 533 -10.35 19.15 -2.73
CA GLY A 533 -9.37 19.25 -3.83
C GLY A 533 -9.70 20.49 -4.66
N ASN A 534 -9.07 20.58 -5.81
CA ASN A 534 -9.15 21.80 -6.60
C ASN A 534 -10.54 22.09 -7.09
N ASP A 535 -11.17 21.13 -7.72
CA ASP A 535 -12.54 21.50 -8.09
C ASP A 535 -13.63 20.65 -7.46
N PHE A 536 -13.36 20.11 -6.27
CA PHE A 536 -14.35 19.15 -5.73
C PHE A 536 -14.14 18.98 -4.25
N ARG A 537 -15.07 18.29 -3.61
CA ARG A 537 -14.92 17.81 -2.22
C ARG A 537 -15.18 16.32 -2.23
N THR A 538 -14.65 15.62 -1.23
CA THR A 538 -15.06 14.22 -1.07
C THR A 538 -15.51 14.07 0.37
N ILE A 539 -16.36 13.05 0.60
CA ILE A 539 -16.72 12.63 1.98
C ILE A 539 -16.38 11.14 2.04
N GLN A 540 -15.52 10.81 3.01
CA GLN A 540 -15.11 9.40 3.23
C GLN A 540 -16.07 8.82 4.28
N LEU A 541 -16.68 7.69 4.00
CA LEU A 541 -17.50 6.95 4.98
C LEU A 541 -16.83 5.62 5.18
N LEU A 542 -16.33 5.40 6.38
CA LEU A 542 -15.70 4.11 6.74
C LEU A 542 -16.59 3.47 7.78
N ASN A 543 -17.12 2.29 7.47
CA ASN A 543 -18.12 1.68 8.33
C ASN A 543 -17.47 0.95 9.50
N LEU A 544 -17.68 1.54 10.69
CA LEU A 544 -17.25 0.86 11.89
C LEU A 544 -18.45 0.48 12.73
N MET A 545 -19.63 0.37 12.12
CA MET A 545 -20.82 0.07 12.93
C MET A 545 -20.67 -1.31 13.62
N GLY A 546 -20.81 -1.31 14.95
CA GLY A 546 -20.76 -2.59 15.69
C GLY A 546 -19.41 -3.25 15.81
N ILE A 547 -18.35 -2.51 15.43
CA ILE A 547 -16.98 -3.03 15.55
C ILE A 547 -16.03 -2.02 16.19
N THR A 548 -14.89 -2.56 16.66
CA THR A 548 -13.85 -1.70 17.27
C THR A 548 -13.04 -0.98 16.17
N SER A 549 -12.24 -0.01 16.62
CA SER A 549 -11.46 0.81 15.71
C SER A 549 -9.98 0.36 15.66
N ASP A 550 -9.58 -0.72 16.32
CA ASP A 550 -8.15 -1.10 16.25
C ASP A 550 -7.82 -1.60 14.87
N TRP A 551 -6.71 -1.15 14.30
CA TRP A 551 -6.45 -1.54 12.93
C TRP A 551 -5.80 -2.90 12.78
N LYS A 552 -5.03 -3.36 13.79
CA LYS A 552 -4.21 -4.55 13.55
C LYS A 552 -5.01 -5.85 13.69
N ASN A 553 -6.12 -5.86 14.44
CA ASN A 553 -6.90 -7.07 14.66
C ASN A 553 -6.02 -8.23 15.18
N GLU A 554 -5.27 -7.95 16.26
CA GLU A 554 -4.42 -9.01 16.85
C GLU A 554 -5.27 -10.11 17.43
N ASP A 555 -6.54 -9.83 17.62
CA ASP A 555 -7.47 -10.85 18.13
C ASP A 555 -7.95 -11.82 17.10
N GLY A 556 -7.74 -11.51 15.82
CA GLY A 556 -8.31 -12.35 14.75
C GLY A 556 -9.83 -12.42 14.89
N TYR A 557 -10.39 -13.57 14.54
CA TYR A 557 -11.83 -13.71 14.56
C TYR A 557 -12.52 -13.67 15.94
N GLU A 558 -11.74 -13.70 17.01
CA GLU A 558 -12.25 -13.47 18.38
C GLU A 558 -12.82 -12.06 18.52
N ASN A 559 -12.44 -11.16 17.60
CA ASN A 559 -13.03 -9.84 17.56
C ASN A 559 -13.50 -9.62 16.11
N ASN A 560 -14.82 -9.76 15.92
CA ASN A 560 -15.36 -9.70 14.56
C ASN A 560 -15.14 -8.31 14.00
N LYS A 561 -14.66 -8.24 12.76
CA LYS A 561 -14.40 -6.97 12.06
C LYS A 561 -15.29 -6.70 10.87
N THR A 562 -16.33 -7.53 10.68
CA THR A 562 -17.36 -7.17 9.69
C THR A 562 -18.35 -6.19 10.32
N PRO A 563 -18.42 -4.95 9.82
CA PRO A 563 -19.32 -3.99 10.42
C PRO A 563 -20.70 -4.25 9.93
N ASP A 564 -21.64 -3.67 10.67
CA ASP A 564 -23.05 -3.84 10.33
C ASP A 564 -23.35 -3.07 9.04
N GLU A 565 -23.77 -3.84 8.01
CA GLU A 565 -24.15 -3.23 6.75
C GLU A 565 -25.26 -2.17 6.92
N GLN A 566 -25.11 -1.05 6.21
CA GLN A 566 -26.10 0.02 6.28
C GLN A 566 -26.74 0.25 4.92
N THR A 567 -28.02 0.65 4.97
CA THR A 567 -28.73 1.04 3.78
C THR A 567 -29.52 2.32 4.00
N ASN A 568 -29.67 3.08 2.91
CA ASN A 568 -30.50 4.29 2.93
C ASN A 568 -30.10 5.27 4.01
N LEU A 569 -28.81 5.59 4.03
CA LEU A 569 -28.28 6.56 4.96
C LEU A 569 -28.45 7.98 4.38
N LEU A 570 -28.37 8.99 5.24
CA LEU A 570 -28.44 10.41 4.82
C LEU A 570 -27.10 10.98 5.27
N VAL A 571 -26.43 11.72 4.39
CA VAL A 571 -25.23 12.45 4.82
C VAL A 571 -25.44 13.92 4.58
N THR A 572 -25.14 14.72 5.58
CA THR A 572 -25.24 16.17 5.42
C THR A 572 -23.88 16.79 5.19
N TYR A 573 -23.81 17.80 4.33
CA TYR A 573 -22.56 18.48 4.08
C TYR A 573 -22.87 19.99 3.96
N PRO A 574 -22.32 20.83 4.85
CA PRO A 574 -22.60 22.26 4.80
C PRO A 574 -21.81 22.94 3.68
N LEU A 575 -22.48 23.86 3.00
CA LEU A 575 -21.89 24.69 1.96
C LEU A 575 -21.90 26.17 2.37
N THR A 576 -21.45 26.50 3.59
CA THR A 576 -21.48 27.89 4.04
C THR A 576 -20.61 28.79 3.13
N GLY A 577 -21.12 29.97 2.76
CA GLY A 577 -20.41 30.83 1.80
C GLY A 577 -20.70 30.60 0.32
N VAL A 578 -21.50 29.59 0.00
CA VAL A 578 -21.79 29.26 -1.37
C VAL A 578 -23.20 29.74 -1.65
N SER A 579 -23.42 30.28 -2.85
CA SER A 579 -24.78 30.75 -3.19
C SER A 579 -25.71 29.61 -3.44
N MET A 580 -27.02 29.89 -3.33
CA MET A 580 -28.02 28.85 -3.61
C MET A 580 -27.93 28.34 -5.03
N ALA A 581 -27.62 29.20 -5.99
CA ALA A 581 -27.49 28.73 -7.38
C ALA A 581 -26.33 27.78 -7.56
N GLU A 582 -25.19 28.11 -6.95
CA GLU A 582 -24.08 27.17 -6.99
C GLU A 582 -24.40 25.88 -6.24
N ALA A 583 -25.03 25.99 -5.08
CA ALA A 583 -25.42 24.76 -4.35
C ALA A 583 -26.32 23.91 -5.18
N ASP A 584 -27.32 24.52 -5.86
CA ASP A 584 -28.20 23.70 -6.71
C ASP A 584 -27.46 22.95 -7.81
N ARG A 585 -26.47 23.61 -8.38
CA ARG A 585 -25.62 23.02 -9.42
C ARG A 585 -24.86 21.84 -8.85
N ILE A 586 -24.27 22.07 -7.68
CA ILE A 586 -23.46 21.04 -6.98
C ILE A 586 -24.35 19.83 -6.67
N ALA A 587 -25.59 20.09 -6.26
CA ALA A 587 -26.48 19.01 -5.88
C ALA A 587 -26.85 18.06 -7.00
N LYS A 588 -26.73 18.53 -8.26
CA LYS A 588 -26.95 17.67 -9.43
C LYS A 588 -25.68 16.88 -9.81
N GLN A 589 -24.59 17.12 -9.09
CA GLN A 589 -23.25 16.58 -9.40
C GLN A 589 -22.65 15.95 -8.16
N VAL A 590 -23.48 15.20 -7.46
CA VAL A 590 -23.00 14.42 -6.28
C VAL A 590 -22.99 12.99 -6.66
N TYR A 591 -21.85 12.31 -6.42
CA TYR A 591 -21.70 10.93 -6.85
C TYR A 591 -21.16 10.09 -5.73
N LEU A 592 -21.30 8.78 -5.90
CA LEU A 592 -20.73 7.85 -4.90
C LEU A 592 -20.00 6.74 -5.61
N THR A 593 -18.87 6.33 -5.04
CA THR A 593 -18.26 5.11 -5.53
C THR A 593 -17.74 4.29 -4.34
N SER A 594 -17.55 3.01 -4.54
CA SER A 594 -17.06 2.12 -3.45
C SER A 594 -16.36 0.95 -4.08
N PRO A 595 -15.29 0.43 -3.46
CA PRO A 595 -14.67 -0.81 -3.93
C PRO A 595 -15.39 -2.11 -3.49
N ASP A 596 -16.44 -1.91 -2.67
CA ASP A 596 -17.19 -3.08 -2.14
C ASP A 596 -18.04 -3.71 -3.24
N ASP A 597 -18.50 -4.93 -3.02
CA ASP A 597 -19.03 -5.75 -4.10
C ASP A 597 -20.20 -5.11 -4.85
N TRP A 598 -21.01 -4.32 -4.17
CA TRP A 598 -22.18 -3.74 -4.81
C TRP A 598 -21.85 -2.72 -5.93
N LEU A 599 -20.63 -2.18 -5.88
CA LEU A 599 -20.22 -1.21 -6.95
C LEU A 599 -18.90 -1.53 -7.65
N GLN A 600 -17.92 -2.08 -6.94
CA GLN A 600 -16.60 -2.49 -7.54
C GLN A 600 -16.00 -1.36 -8.37
N SER A 601 -15.97 -0.18 -7.73
CA SER A 601 -15.41 1.06 -8.29
C SER A 601 -16.31 1.77 -9.35
N SER A 602 -17.44 1.16 -9.75
CA SER A 602 -18.51 1.90 -10.46
C SER A 602 -18.86 3.20 -9.72
N MET A 603 -19.29 4.24 -10.43
CA MET A 603 -19.72 5.50 -9.80
C MET A 603 -21.18 5.70 -10.13
N ILE A 604 -21.96 6.09 -9.14
CA ILE A 604 -23.40 6.33 -9.29
C ILE A 604 -23.73 7.77 -8.89
N SER A 605 -24.81 8.31 -9.47
CA SER A 605 -25.31 9.63 -9.05
C SER A 605 -26.16 9.48 -7.82
N LEU A 606 -26.06 10.41 -6.89
CA LEU A 606 -26.86 10.37 -5.64
C LEU A 606 -27.95 11.41 -5.63
N ALA A 607 -29.14 11.02 -5.20
CA ALA A 607 -30.21 11.97 -4.98
C ALA A 607 -29.83 12.87 -3.83
N THR A 608 -30.00 14.18 -4.03
CA THR A 608 -29.51 15.18 -3.08
C THR A 608 -30.49 16.32 -3.07
N GLN A 609 -30.79 16.83 -1.88
CA GLN A 609 -31.66 18.01 -1.73
C GLN A 609 -30.83 19.13 -1.11
N VAL A 610 -31.06 20.37 -1.54
CA VAL A 610 -30.42 21.51 -0.87
C VAL A 610 -31.39 22.11 0.14
N LYS A 611 -30.97 22.17 1.41
CA LYS A 611 -31.81 22.80 2.42
C LYS A 611 -31.02 23.95 2.94
N THR A 612 -31.59 24.70 3.87
CA THR A 612 -30.83 25.81 4.48
C THR A 612 -30.78 25.71 5.97
N ASN A 613 -29.71 26.27 6.56
CA ASN A 613 -29.66 26.43 8.03
C ASN A 613 -30.43 27.70 8.42
N GLU A 614 -30.35 28.09 9.69
CA GLU A 614 -31.12 29.21 10.19
C GLU A 614 -30.78 30.51 9.48
N ASN A 615 -29.59 30.58 8.91
CA ASN A 615 -29.10 31.82 8.33
C ASN A 615 -29.19 31.86 6.82
N GLY A 616 -29.85 30.86 6.26
CA GLY A 616 -30.03 30.83 4.82
C GLY A 616 -28.87 30.20 4.09
N ASP A 617 -27.91 29.61 4.82
CA ASP A 617 -26.74 29.00 4.17
C ASP A 617 -27.16 27.63 3.64
N PRO A 618 -26.76 27.28 2.43
CA PRO A 618 -27.12 25.97 1.92
C PRO A 618 -26.42 24.78 2.64
N VAL A 619 -27.16 23.69 2.75
CA VAL A 619 -26.63 22.41 3.27
C VAL A 619 -27.10 21.29 2.33
N LEU A 620 -26.17 20.42 1.87
CA LEU A 620 -26.58 19.25 1.06
C LEU A 620 -27.10 18.16 1.94
N TYR A 621 -28.22 17.56 1.52
CA TYR A 621 -28.77 16.37 2.21
C TYR A 621 -28.71 15.25 1.17
N ILE A 622 -27.73 14.35 1.35
CA ILE A 622 -27.35 13.37 0.32
C ILE A 622 -27.85 11.99 0.69
N GLN A 623 -28.57 11.35 -0.24
CA GLN A 623 -29.04 9.96 0.03
C GLN A 623 -28.03 8.90 -0.41
N VAL A 624 -27.57 8.10 0.54
CA VAL A 624 -26.55 7.07 0.26
C VAL A 624 -27.22 5.70 0.29
N PRO A 625 -27.27 4.99 -0.83
CA PRO A 625 -28.05 3.75 -0.84
C PRO A 625 -27.51 2.64 0.06
N ARG A 626 -26.19 2.51 0.18
CA ARG A 626 -25.62 1.35 0.88
C ARG A 626 -24.22 1.72 1.34
N LEU A 627 -23.83 1.13 2.47
CA LEU A 627 -22.44 1.21 2.96
C LEU A 627 -22.12 -0.18 3.46
N THR A 628 -21.10 -0.81 2.88
CA THR A 628 -20.63 -2.12 3.32
C THR A 628 -19.41 -1.89 4.21
N LEU A 629 -18.27 -1.50 3.60
CA LEU A 629 -17.04 -1.09 4.37
C LEU A 629 -16.63 0.34 4.09
N TRP A 630 -16.61 0.75 2.82
CA TRP A 630 -16.03 2.04 2.48
C TRP A 630 -16.77 2.62 1.30
N ASP A 631 -17.32 3.79 1.52
CA ASP A 631 -17.88 4.61 0.42
C ASP A 631 -17.15 5.93 0.34
N MET A 632 -17.01 6.45 -0.89
CA MET A 632 -16.53 7.81 -1.10
C MET A 632 -17.60 8.59 -1.86
N ILE A 633 -18.05 9.67 -1.24
CA ILE A 633 -18.94 10.64 -1.92
C ILE A 633 -18.05 11.67 -2.62
N TYR A 634 -18.33 11.94 -3.90
CA TYR A 634 -17.53 12.88 -4.71
C TYR A 634 -18.51 13.99 -5.11
N ILE A 635 -18.14 15.22 -4.71
CA ILE A 635 -19.01 16.42 -4.87
C ILE A 635 -18.26 17.36 -5.83
N LEU A 636 -18.77 17.53 -7.05
CA LEU A 636 -18.11 18.48 -7.99
C LEU A 636 -18.46 19.91 -7.66
N GLU A 637 -17.44 20.77 -7.50
CA GLU A 637 -17.53 22.15 -6.87
C GLU A 637 -16.26 23.01 -7.14
P PO4 B . -10.86 3.55 -29.18
O1 PO4 B . -11.54 2.21 -29.46
O2 PO4 B . -10.26 3.57 -27.72
O3 PO4 B . -9.81 3.84 -30.21
O4 PO4 B . -12.00 4.59 -29.16
#